data_7Y07
#
_entry.id   7Y07
#
_cell.length_a   67.752
_cell.length_b   67.752
_cell.length_c   141.397
_cell.angle_alpha   90.000
_cell.angle_beta   90.000
_cell.angle_gamma   90.000
#
_symmetry.space_group_name_H-M   'P 41 21 2'
#
loop_
_entity.id
_entity.type
_entity.pdbx_description
1 polymer 'Ricin A chain'
2 non-polymer 2-azanyl-4-oxidanylidene-N-[(2S)-1-oxidanyl-3-phenyl-propan-2-yl]-3H-pteridine-7-carboxamide
3 non-polymer 'SULFATE ION'
4 water water
#
_entity_poly.entity_id   1
_entity_poly.type   'polypeptide(L)'
_entity_poly.pdbx_seq_one_letter_code
;MHHHHHHIFPKQYPIINFTTAGATVQSYTNFIRAVRGRLTTGADVRHEIPVLPNRVGLPINQRFILVELSNHAELSVTLA
LDVTNAYVVGYRAGNSAYFFHPDNQEDAEAITHLFTDVQNRYTFAFGGNYDRLEQLAGNLRENIELGNGPLEEAISALYY
YSTGGTQLPTLARSFIICIQMISEAARFQYIEGEMRTRIRYNRRSAPDPSVITLENSWGRLSTAIQESNQGAFASPIQLQ
RRNGSKFSVYDVSILIPIIALMVYRCAPPPSSQF
;
_entity_poly.pdbx_strand_id   A
#
loop_
_chem_comp.id
_chem_comp.type
_chem_comp.name
_chem_comp.formula
IFX non-polymer 2-azanyl-4-oxidanylidene-N-[(2S)-1-oxidanyl-3-phenyl-propan-2-yl]-3H-pteridine-7-carboxamide 'C16 H16 N6 O3'
SO4 non-polymer 'SULFATE ION' 'O4 S -2'
#
# COMPACT_ATOMS: atom_id res chain seq x y z
N GLN A 12 -16.18 -12.36 -5.89
CA GLN A 12 -15.30 -12.71 -7.05
C GLN A 12 -13.82 -12.41 -6.77
N TYR A 13 -13.53 -11.15 -6.41
CA TYR A 13 -12.17 -10.73 -6.06
C TYR A 13 -11.73 -11.37 -4.73
N PRO A 14 -10.46 -11.80 -4.64
CA PRO A 14 -9.95 -12.43 -3.42
C PRO A 14 -10.00 -11.48 -2.22
N ILE A 15 -10.31 -12.05 -1.05
CA ILE A 15 -10.40 -11.31 0.21
C ILE A 15 -9.32 -11.80 1.17
N ILE A 16 -8.58 -10.87 1.74
CA ILE A 16 -7.61 -11.16 2.81
C ILE A 16 -8.10 -10.46 4.07
N ASN A 17 -8.20 -11.22 5.16
CA ASN A 17 -8.66 -10.71 6.45
C ASN A 17 -7.51 -10.39 7.40
N PHE A 18 -7.62 -9.25 8.07
CA PHE A 18 -6.74 -8.88 9.17
C PHE A 18 -7.53 -8.19 10.27
N THR A 19 -7.16 -8.47 11.50
CA THR A 19 -7.70 -7.73 12.64
C THR A 19 -6.62 -7.15 13.52
N THR A 20 -6.86 -5.93 14.00
CA THR A 20 -5.99 -5.29 14.99
C THR A 20 -6.24 -5.87 16.39
N ALA A 21 -7.39 -6.52 16.57
CA ALA A 21 -7.76 -7.15 17.85
C ALA A 21 -6.78 -8.27 18.18
N GLY A 22 -5.99 -8.07 19.23
CA GLY A 22 -4.95 -9.03 19.64
C GLY A 22 -3.89 -9.31 18.57
N ALA A 23 -3.61 -8.33 17.72
CA ALA A 23 -2.61 -8.50 16.66
C ALA A 23 -1.23 -8.77 17.25
N THR A 24 -0.51 -9.66 16.58
CA THR A 24 0.87 -9.98 16.97
C THR A 24 1.77 -9.83 15.75
N VAL A 25 3.08 -9.90 15.98
CA VAL A 25 4.05 -9.92 14.89
C VAL A 25 3.69 -11.01 13.88
N GLN A 26 3.39 -12.21 14.37
CA GLN A 26 3.04 -13.34 13.50
C GLN A 26 1.77 -13.12 12.69
N SER A 27 0.69 -12.65 13.34
CA SER A 27 -0.56 -12.45 12.61
C SER A 27 -0.43 -11.35 11.54
N TYR A 28 0.31 -10.30 11.86
CA TYR A 28 0.60 -9.25 10.87
C TYR A 28 1.47 -9.76 9.72
N THR A 29 2.50 -10.55 10.05
CA THR A 29 3.37 -11.17 9.05
C THR A 29 2.56 -12.07 8.10
N ASN A 30 1.69 -12.92 8.67
CA ASN A 30 0.80 -13.77 7.87
C ASN A 30 -0.05 -12.96 6.90
N PHE A 31 -0.59 -11.84 7.40
CA PHE A 31 -1.43 -10.94 6.63
C PHE A 31 -0.67 -10.33 5.43
N ILE A 32 0.48 -9.73 5.70
CA ILE A 32 1.27 -9.08 4.64
C ILE A 32 1.72 -10.11 3.59
N ARG A 33 2.14 -11.29 4.03
CA ARG A 33 2.50 -12.38 3.12
C ARG A 33 1.32 -12.78 2.21
N ALA A 34 0.13 -12.88 2.79
CA ALA A 34 -1.08 -13.20 2.02
C ALA A 34 -1.44 -12.11 1.02
N VAL A 35 -1.30 -10.85 1.42
CA VAL A 35 -1.51 -9.70 0.50
C VAL A 35 -0.56 -9.79 -0.70
N ARG A 36 0.74 -9.97 -0.43
CA ARG A 36 1.73 -10.13 -1.50
C ARG A 36 1.40 -11.29 -2.44
N GLY A 37 0.97 -12.41 -1.86
CA GLY A 37 0.57 -13.61 -2.61
C GLY A 37 -0.58 -13.37 -3.57
N ARG A 38 -1.50 -12.48 -3.18
CA ARG A 38 -2.64 -12.14 -4.02
C ARG A 38 -2.35 -10.99 -4.99
N LEU A 39 -1.30 -10.23 -4.71
CA LEU A 39 -0.86 -9.13 -5.58
C LEU A 39 0.00 -9.60 -6.76
N THR A 40 1.00 -10.42 -6.48
CA THR A 40 1.90 -10.95 -7.52
C THR A 40 1.50 -12.37 -7.89
N THR A 41 1.70 -12.71 -9.16
CA THR A 41 1.26 -13.99 -9.72
C THR A 41 2.37 -15.05 -9.75
N GLY A 42 3.62 -14.59 -9.69
CA GLY A 42 4.79 -15.46 -9.82
C GLY A 42 5.35 -15.52 -11.23
N ALA A 43 4.64 -14.90 -12.17
CA ALA A 43 5.01 -14.88 -13.58
C ALA A 43 6.21 -13.97 -13.89
N ASP A 44 6.46 -13.00 -13.00
CA ASP A 44 7.44 -11.96 -13.24
C ASP A 44 8.31 -11.74 -12.00
N VAL A 45 9.52 -12.28 -12.04
CA VAL A 45 10.49 -12.15 -10.95
C VAL A 45 11.82 -11.74 -11.57
N ARG A 46 12.33 -10.58 -11.16
CA ARG A 46 13.56 -10.03 -11.72
C ARG A 46 14.54 -9.70 -10.60
N HIS A 47 15.74 -10.29 -10.69
CA HIS A 47 16.76 -10.19 -9.63
C HIS A 47 16.22 -10.59 -8.26
N GLU A 48 15.44 -11.67 -8.26
CA GLU A 48 14.75 -12.23 -7.07
C GLU A 48 13.58 -11.39 -6.55
N ILE A 49 13.27 -10.28 -7.23
CA ILE A 49 12.20 -9.37 -6.81
C ILE A 49 10.99 -9.48 -7.73
N PRO A 50 9.83 -9.90 -7.17
CA PRO A 50 8.59 -10.00 -7.94
C PRO A 50 8.10 -8.65 -8.48
N VAL A 51 7.50 -8.69 -9.67
CA VAL A 51 6.89 -7.54 -10.30
C VAL A 51 5.39 -7.76 -10.32
N LEU A 52 4.64 -6.70 -10.02
CA LEU A 52 3.17 -6.72 -10.10
C LEU A 52 2.70 -6.89 -11.55
N PRO A 53 1.44 -7.37 -11.74
CA PRO A 53 0.92 -7.54 -13.10
C PRO A 53 0.94 -6.26 -13.91
N ASN A 54 1.26 -6.40 -15.19
CA ASN A 54 1.15 -5.33 -16.17
C ASN A 54 -0.32 -4.97 -16.35
N ARG A 55 -0.62 -3.67 -16.25
CA ARG A 55 -1.98 -3.16 -16.44
CA ARG A 55 -1.98 -3.14 -16.45
C ARG A 55 -2.48 -3.41 -17.87
N VAL A 56 -1.57 -3.33 -18.84
CA VAL A 56 -1.91 -3.50 -20.26
C VAL A 56 -2.39 -4.94 -20.52
N GLY A 57 -3.67 -5.04 -20.92
CA GLY A 57 -4.31 -6.31 -21.21
C GLY A 57 -4.72 -7.15 -20.02
N LEU A 58 -4.62 -6.60 -18.81
CA LEU A 58 -5.02 -7.31 -17.61
C LEU A 58 -6.56 -7.38 -17.52
N PRO A 59 -7.12 -8.60 -17.50
CA PRO A 59 -8.58 -8.73 -17.44
C PRO A 59 -9.15 -8.17 -16.14
N ILE A 60 -10.33 -7.56 -16.23
CA ILE A 60 -10.98 -6.89 -15.09
C ILE A 60 -11.24 -7.82 -13.89
N ASN A 61 -11.50 -9.11 -14.16
CA ASN A 61 -11.72 -10.10 -13.10
C ASN A 61 -10.46 -10.43 -12.28
N GLN A 62 -9.32 -9.89 -12.69
CA GLN A 62 -8.04 -10.10 -12.03
C GLN A 62 -7.44 -8.79 -11.50
N ARG A 63 -8.22 -7.71 -11.53
CA ARG A 63 -7.69 -6.36 -11.30
C ARG A 63 -7.53 -5.93 -9.84
N PHE A 64 -8.38 -6.47 -8.97
CA PHE A 64 -8.43 -6.01 -7.59
C PHE A 64 -8.33 -7.13 -6.57
N ILE A 65 -7.85 -6.77 -5.38
CA ILE A 65 -7.98 -7.60 -4.19
C ILE A 65 -8.68 -6.80 -3.09
N LEU A 66 -9.28 -7.51 -2.15
CA LEU A 66 -10.01 -6.90 -1.05
C LEU A 66 -9.33 -7.22 0.26
N VAL A 67 -9.15 -6.19 1.08
CA VAL A 67 -8.56 -6.34 2.40
C VAL A 67 -9.63 -5.98 3.42
N GLU A 68 -10.12 -7.00 4.13
CA GLU A 68 -11.15 -6.81 5.15
C GLU A 68 -10.47 -6.61 6.50
N LEU A 69 -10.56 -5.38 6.99
CA LEU A 69 -9.96 -4.99 8.26
C LEU A 69 -11.00 -4.97 9.36
N SER A 70 -10.72 -5.71 10.42
CA SER A 70 -11.56 -5.71 11.62
C SER A 70 -10.76 -5.15 12.78
N ASN A 71 -11.45 -4.69 13.81
CA ASN A 71 -10.80 -4.17 15.00
C ASN A 71 -11.42 -4.66 16.31
N HIS A 72 -10.79 -4.30 17.43
CA HIS A 72 -11.28 -4.70 18.75
C HIS A 72 -12.67 -4.13 19.08
N ALA A 73 -13.00 -2.97 18.48
CA ALA A 73 -14.32 -2.37 18.60
C ALA A 73 -15.43 -3.11 17.85
N GLU A 74 -15.10 -4.28 17.28
CA GLU A 74 -16.01 -5.13 16.50
C GLU A 74 -16.58 -4.46 15.24
N LEU A 75 -15.76 -3.60 14.64
CA LEU A 75 -16.11 -2.92 13.39
C LEU A 75 -15.25 -3.46 12.25
N SER A 76 -15.82 -3.42 11.05
CA SER A 76 -15.14 -3.89 9.85
CA SER A 76 -15.13 -3.88 9.85
C SER A 76 -15.24 -2.88 8.71
N VAL A 77 -14.15 -2.75 7.96
CA VAL A 77 -14.11 -2.00 6.70
C VAL A 77 -13.36 -2.85 5.68
N THR A 78 -13.69 -2.67 4.40
CA THR A 78 -13.03 -3.41 3.34
C THR A 78 -12.35 -2.44 2.38
N LEU A 79 -11.03 -2.54 2.30
CA LEU A 79 -10.24 -1.76 1.35
C LEU A 79 -10.13 -2.51 0.04
N ALA A 80 -10.18 -1.77 -1.06
CA ALA A 80 -9.94 -2.35 -2.39
C ALA A 80 -8.57 -1.89 -2.88
N LEU A 81 -7.75 -2.85 -3.27
CA LEU A 81 -6.41 -2.58 -3.78
C LEU A 81 -6.29 -3.00 -5.24
N ASP A 82 -5.75 -2.09 -6.05
CA ASP A 82 -5.43 -2.34 -7.45
C ASP A 82 -4.15 -3.19 -7.49
N VAL A 83 -4.21 -4.36 -8.13
CA VAL A 83 -3.06 -5.29 -8.16
C VAL A 83 -1.87 -4.77 -8.97
N THR A 84 -2.11 -3.81 -9.85
CA THR A 84 -1.03 -3.29 -10.70
C THR A 84 -0.07 -2.40 -9.92
N ASN A 85 -0.51 -1.82 -8.81
CA ASN A 85 0.32 -0.91 -8.05
C ASN A 85 0.15 -0.98 -6.53
N ALA A 86 -0.70 -1.90 -6.06
CA ALA A 86 -1.09 -2.04 -4.63
C ALA A 86 -1.83 -0.80 -4.07
N TYR A 87 -2.31 0.06 -4.95
CA TYR A 87 -2.97 1.32 -4.58
C TYR A 87 -4.32 1.05 -3.92
N VAL A 88 -4.57 1.71 -2.79
CA VAL A 88 -5.88 1.67 -2.14
C VAL A 88 -6.78 2.63 -2.93
N VAL A 89 -7.74 2.06 -3.66
CA VAL A 89 -8.60 2.85 -4.56
C VAL A 89 -9.89 3.33 -3.88
N GLY A 90 -10.25 2.70 -2.78
CA GLY A 90 -11.45 3.04 -2.05
C GLY A 90 -11.74 2.03 -0.96
N TYR A 91 -12.89 2.21 -0.31
CA TYR A 91 -13.29 1.31 0.77
C TYR A 91 -14.80 1.17 0.91
N ARG A 92 -15.22 0.08 1.54
CA ARG A 92 -16.62 -0.15 1.91
C ARG A 92 -16.75 -0.21 3.43
N ALA A 93 -17.75 0.49 3.96
CA ALA A 93 -18.18 0.33 5.35
C ALA A 93 -19.68 0.19 5.36
N GLY A 94 -20.15 -1.04 5.62
CA GLY A 94 -21.58 -1.36 5.64
C GLY A 94 -22.28 -1.08 4.33
N ASN A 95 -23.20 -0.13 4.37
CA ASN A 95 -24.06 0.24 3.23
C ASN A 95 -23.50 1.33 2.30
N SER A 96 -22.27 1.78 2.58
CA SER A 96 -21.63 2.85 1.79
C SER A 96 -20.24 2.46 1.33
N ALA A 97 -19.90 2.88 0.11
CA ALA A 97 -18.56 2.75 -0.45
C ALA A 97 -18.06 4.10 -0.95
N TYR A 98 -16.75 4.31 -0.80
CA TYR A 98 -16.10 5.56 -1.13
C TYR A 98 -14.86 5.29 -1.94
N PHE A 99 -14.74 5.97 -3.09
CA PHE A 99 -13.58 5.82 -3.97
C PHE A 99 -12.88 7.15 -4.15
N PHE A 100 -11.55 7.13 -4.18
CA PHE A 100 -10.78 8.31 -4.52
C PHE A 100 -11.04 8.72 -5.96
N HIS A 101 -10.91 10.02 -6.23
CA HIS A 101 -11.04 10.55 -7.58
C HIS A 101 -10.01 9.85 -8.49
N PRO A 102 -10.49 9.10 -9.50
CA PRO A 102 -9.58 8.33 -10.34
C PRO A 102 -8.65 9.22 -11.18
N ASP A 103 -7.40 8.79 -11.30
CA ASP A 103 -6.36 9.52 -12.03
C ASP A 103 -6.54 9.50 -13.55
N ASN A 104 -7.37 8.58 -14.05
CA ASN A 104 -7.71 8.45 -15.48
C ASN A 104 -9.05 7.76 -15.71
N GLN A 105 -9.49 7.75 -16.97
CA GLN A 105 -10.75 7.12 -17.39
C GLN A 105 -10.77 5.60 -17.21
N GLU A 106 -9.62 4.97 -17.45
CA GLU A 106 -9.45 3.51 -17.30
C GLU A 106 -9.68 3.07 -15.85
N ASP A 107 -9.05 3.76 -14.91
CA ASP A 107 -9.21 3.47 -13.48
C ASP A 107 -10.61 3.81 -12.96
N ALA A 108 -11.26 4.79 -13.59
CA ALA A 108 -12.65 5.16 -13.31
C ALA A 108 -13.63 4.08 -13.73
N GLU A 109 -13.39 3.47 -14.88
CA GLU A 109 -14.21 2.34 -15.34
C GLU A 109 -13.99 1.12 -14.43
N ALA A 110 -12.72 0.87 -14.09
CA ALA A 110 -12.33 -0.30 -13.29
C ALA A 110 -13.04 -0.38 -11.94
N ILE A 111 -13.17 0.77 -11.26
CA ILE A 111 -13.77 0.83 -9.92
C ILE A 111 -15.29 0.59 -9.90
N THR A 112 -15.94 0.69 -11.06
CA THR A 112 -17.37 0.33 -11.20
C THR A 112 -17.62 -1.16 -10.97
N HIS A 113 -16.55 -1.95 -11.02
CA HIS A 113 -16.61 -3.40 -10.80
C HIS A 113 -16.42 -3.76 -9.31
N LEU A 114 -16.24 -2.75 -8.47
CA LEU A 114 -16.04 -2.92 -7.03
C LEU A 114 -17.27 -2.58 -6.22
N PHE A 115 -17.54 -3.40 -5.21
CA PHE A 115 -18.66 -3.22 -4.26
C PHE A 115 -19.98 -2.94 -4.99
N THR A 116 -20.30 -3.80 -5.96
CA THR A 116 -21.42 -3.58 -6.88
C THR A 116 -22.81 -3.72 -6.24
N ASP A 117 -22.86 -4.41 -5.10
CA ASP A 117 -24.12 -4.62 -4.36
C ASP A 117 -24.37 -3.61 -3.23
N VAL A 118 -23.45 -2.65 -3.08
CA VAL A 118 -23.55 -1.63 -2.03
C VAL A 118 -24.66 -0.61 -2.32
N GLN A 119 -25.34 -0.17 -1.27
CA GLN A 119 -26.50 0.73 -1.38
C GLN A 119 -26.12 2.14 -1.85
N ASN A 120 -25.04 2.68 -1.30
CA ASN A 120 -24.59 4.04 -1.59
C ASN A 120 -23.17 4.05 -2.14
N ARG A 121 -23.00 4.64 -3.33
CA ARG A 121 -21.70 4.75 -4.00
C ARG A 121 -21.28 6.20 -4.09
N TYR A 122 -20.09 6.50 -3.56
CA TYR A 122 -19.54 7.84 -3.65
C TYR A 122 -18.13 7.83 -4.23
N THR A 123 -17.87 8.82 -5.08
CA THR A 123 -16.51 9.11 -5.49
C THR A 123 -16.13 10.44 -4.85
N PHE A 124 -15.06 10.42 -4.05
CA PHE A 124 -14.46 11.63 -3.50
C PHE A 124 -14.04 12.56 -4.63
N ALA A 125 -14.18 13.86 -4.39
CA ALA A 125 -13.73 14.88 -5.33
C ALA A 125 -12.20 15.05 -5.32
N PHE A 126 -11.55 14.44 -4.32
CA PHE A 126 -10.09 14.46 -4.18
C PHE A 126 -9.46 13.11 -4.52
N GLY A 127 -8.24 13.17 -5.06
CA GLY A 127 -7.43 11.98 -5.31
C GLY A 127 -6.83 11.41 -4.03
N GLY A 128 -6.31 10.19 -4.13
CA GLY A 128 -5.84 9.46 -2.96
C GLY A 128 -4.34 9.43 -2.70
N ASN A 129 -3.57 10.25 -3.43
CA ASN A 129 -2.13 10.33 -3.21
C ASN A 129 -1.79 11.00 -1.88
N TYR A 130 -0.60 10.68 -1.35
CA TYR A 130 -0.14 11.24 -0.08
C TYR A 130 -0.23 12.76 -0.02
N ASP A 131 0.23 13.45 -1.08
CA ASP A 131 0.23 14.93 -1.08
C ASP A 131 -1.16 15.52 -0.81
N ARG A 132 -2.18 14.98 -1.49
CA ARG A 132 -3.56 15.39 -1.29
C ARG A 132 -4.08 15.02 0.10
N LEU A 133 -3.80 13.79 0.53
CA LEU A 133 -4.26 13.31 1.84
C LEU A 133 -3.60 14.06 3.01
N GLU A 134 -2.32 14.38 2.86
CA GLU A 134 -1.57 15.18 3.84
C GLU A 134 -2.13 16.61 3.97
N GLN A 135 -2.48 17.20 2.83
CA GLN A 135 -3.16 18.51 2.79
C GLN A 135 -4.45 18.47 3.60
N LEU A 136 -5.28 17.46 3.34
CA LEU A 136 -6.57 17.30 4.02
C LEU A 136 -6.43 16.96 5.50
N ALA A 137 -5.42 16.15 5.83
CA ALA A 137 -5.13 15.78 7.22
C ALA A 137 -4.57 16.95 8.04
N GLY A 138 -3.93 17.89 7.36
CA GLY A 138 -3.21 18.98 8.02
C GLY A 138 -1.93 18.51 8.70
N ASN A 139 -1.43 17.35 8.26
CA ASN A 139 -0.21 16.75 8.78
C ASN A 139 0.50 15.94 7.71
N LEU A 140 1.82 15.99 7.74
CA LEU A 140 2.65 15.16 6.85
C LEU A 140 2.78 13.75 7.43
N ARG A 141 3.13 12.79 6.57
CA ARG A 141 3.40 11.41 7.00
C ARG A 141 4.38 11.34 8.17
N GLU A 142 5.42 12.19 8.15
CA GLU A 142 6.43 12.23 9.23
C GLU A 142 5.88 12.59 10.62
N ASN A 143 4.66 13.09 10.68
CA ASN A 143 4.01 13.47 11.95
C ASN A 143 2.76 12.66 12.29
N ILE A 144 2.52 11.61 11.51
CA ILE A 144 1.36 10.73 11.73
C ILE A 144 1.83 9.39 12.30
N GLU A 145 1.41 9.11 13.52
CA GLU A 145 1.84 7.89 14.21
C GLU A 145 1.25 6.63 13.56
N LEU A 146 2.10 5.62 13.47
CA LEU A 146 1.73 4.31 12.93
C LEU A 146 1.88 3.23 14.00
N GLY A 147 1.14 2.14 13.83
CA GLY A 147 1.17 1.03 14.78
C GLY A 147 -0.20 0.41 14.88
N ASN A 148 -0.33 -0.57 15.77
CA ASN A 148 -1.61 -1.27 15.92
C ASN A 148 -2.73 -0.38 16.44
N GLY A 149 -2.38 0.48 17.41
CA GLY A 149 -3.32 1.47 17.95
C GLY A 149 -3.85 2.43 16.89
N PRO A 150 -2.95 3.10 16.14
CA PRO A 150 -3.40 3.94 15.03
C PRO A 150 -4.28 3.21 14.01
N LEU A 151 -3.94 1.95 13.68
CA LEU A 151 -4.74 1.18 12.74
C LEU A 151 -6.12 0.81 13.30
N GLU A 152 -6.16 0.36 14.55
CA GLU A 152 -7.41 0.13 15.29
C GLU A 152 -8.34 1.34 15.18
N GLU A 153 -7.78 2.53 15.46
CA GLU A 153 -8.52 3.79 15.44
C GLU A 153 -8.91 4.20 14.01
N ALA A 154 -8.02 3.95 13.05
CA ALA A 154 -8.28 4.24 11.63
C ALA A 154 -9.49 3.46 11.10
N ILE A 155 -9.60 2.18 11.49
CA ILE A 155 -10.71 1.33 11.08
C ILE A 155 -12.04 1.89 11.59
N SER A 156 -12.08 2.31 12.85
CA SER A 156 -13.26 2.95 13.43
C SER A 156 -13.62 4.26 12.72
N ALA A 157 -12.62 5.09 12.43
CA ALA A 157 -12.83 6.37 11.74
C ALA A 157 -13.41 6.19 10.34
N LEU A 158 -12.86 5.24 9.58
CA LEU A 158 -13.41 4.88 8.27
C LEU A 158 -14.84 4.35 8.37
N TYR A 159 -15.09 3.49 9.36
CA TYR A 159 -16.42 2.92 9.59
C TYR A 159 -17.49 3.99 9.81
N TYR A 160 -17.17 4.98 10.64
CA TYR A 160 -18.14 5.99 11.08
C TYR A 160 -18.28 7.22 10.16
N TYR A 161 -17.53 7.25 9.05
CA TYR A 161 -17.52 8.43 8.16
C TYR A 161 -18.89 8.79 7.57
N SER A 162 -19.63 7.78 7.11
CA SER A 162 -20.92 8.00 6.45
C SER A 162 -22.02 8.58 7.36
N THR A 163 -21.84 8.46 8.67
CA THR A 163 -22.83 8.94 9.64
C THR A 163 -22.49 10.28 10.30
N GLY A 164 -21.34 10.86 9.92
CA GLY A 164 -20.96 12.20 10.38
C GLY A 164 -20.01 12.30 11.55
N GLY A 165 -19.63 11.14 12.11
CA GLY A 165 -18.75 11.10 13.29
C GLY A 165 -17.29 11.39 13.03
N THR A 166 -16.86 11.25 11.77
CA THR A 166 -15.45 11.38 11.42
C THR A 166 -15.19 12.67 10.63
N GLN A 167 -14.37 13.55 11.20
CA GLN A 167 -13.94 14.77 10.54
C GLN A 167 -13.06 14.44 9.33
N LEU A 168 -13.09 15.30 8.32
CA LEU A 168 -12.30 15.10 7.10
C LEU A 168 -10.79 14.94 7.35
N PRO A 169 -10.18 15.79 8.23
CA PRO A 169 -8.76 15.54 8.55
C PRO A 169 -8.49 14.17 9.16
N THR A 170 -9.39 13.69 10.02
CA THR A 170 -9.28 12.38 10.64
C THR A 170 -9.40 11.26 9.60
N LEU A 171 -10.32 11.40 8.66
CA LEU A 171 -10.47 10.46 7.56
C LEU A 171 -9.19 10.34 6.72
N ALA A 172 -8.64 11.50 6.34
CA ALA A 172 -7.41 11.57 5.55
C ALA A 172 -6.24 10.92 6.29
N ARG A 173 -6.10 11.24 7.58
CA ARG A 173 -5.08 10.66 8.44
CA ARG A 173 -5.09 10.66 8.45
C ARG A 173 -5.24 9.14 8.51
N SER A 174 -6.48 8.68 8.65
CA SER A 174 -6.80 7.26 8.73
C SER A 174 -6.43 6.51 7.44
N PHE A 175 -6.68 7.12 6.28
CA PHE A 175 -6.22 6.58 5.01
C PHE A 175 -4.70 6.47 4.96
N ILE A 176 -4.01 7.53 5.40
CA ILE A 176 -2.54 7.56 5.43
C ILE A 176 -1.98 6.40 6.27
N ILE A 177 -2.62 6.12 7.42
CA ILE A 177 -2.25 4.98 8.28
C ILE A 177 -2.45 3.66 7.54
N CYS A 178 -3.64 3.45 6.97
CA CYS A 178 -3.95 2.21 6.28
C CYS A 178 -3.03 1.94 5.09
N ILE A 179 -2.79 2.98 4.28
CA ILE A 179 -1.96 2.85 3.09
C ILE A 179 -0.55 2.38 3.46
N GLN A 180 0.02 2.98 4.49
CA GLN A 180 1.40 2.62 4.87
C GLN A 180 1.51 1.26 5.51
N MET A 181 0.53 0.92 6.35
CA MET A 181 0.58 -0.33 7.09
C MET A 181 0.17 -1.54 6.26
N ILE A 182 -0.46 -1.30 5.11
CA ILE A 182 -0.88 -2.37 4.22
C ILE A 182 -0.10 -2.32 2.90
N SER A 183 -0.33 -1.30 2.09
CA SER A 183 0.30 -1.20 0.78
C SER A 183 1.82 -1.02 0.85
N GLU A 184 2.30 -0.09 1.67
CA GLU A 184 3.75 0.13 1.76
C GLU A 184 4.47 -1.06 2.39
N ALA A 185 3.84 -1.67 3.40
CA ALA A 185 4.38 -2.88 4.01
C ALA A 185 4.43 -4.04 3.01
N ALA A 186 3.42 -4.14 2.15
CA ALA A 186 3.45 -5.15 1.09
C ALA A 186 4.58 -4.90 0.09
N ARG A 187 4.81 -3.62 -0.24
CA ARG A 187 5.84 -3.22 -1.20
C ARG A 187 7.27 -3.43 -0.68
N PHE A 188 7.45 -3.21 0.62
CA PHE A 188 8.79 -3.21 1.23
C PHE A 188 8.86 -4.09 2.47
N GLN A 189 9.68 -5.14 2.43
CA GLN A 189 9.97 -5.92 3.66
C GLN A 189 10.47 -5.02 4.77
N TYR A 190 11.25 -3.99 4.41
CA TYR A 190 11.76 -3.05 5.38
C TYR A 190 10.64 -2.34 6.15
N ILE A 191 9.61 -1.91 5.43
CA ILE A 191 8.48 -1.21 6.05
C ILE A 191 7.64 -2.18 6.86
N GLU A 192 7.42 -3.37 6.31
CA GLU A 192 6.80 -4.46 7.08
C GLU A 192 7.52 -4.68 8.42
N GLY A 193 8.85 -4.73 8.38
CA GLY A 193 9.67 -4.89 9.59
C GLY A 193 9.46 -3.78 10.61
N GLU A 194 9.40 -2.54 10.12
CA GLU A 194 9.14 -1.39 10.97
C GLU A 194 7.76 -1.44 11.65
N MET A 195 6.77 -1.99 10.94
CA MET A 195 5.44 -2.17 11.51
C MET A 195 5.41 -3.31 12.53
N ARG A 196 6.14 -4.40 12.22
CA ARG A 196 6.30 -5.53 13.14
C ARG A 196 6.86 -5.08 14.49
N THR A 197 7.88 -4.22 14.45
CA THR A 197 8.50 -3.65 15.67
C THR A 197 7.46 -2.91 16.52
N ARG A 198 6.68 -2.01 15.88
CA ARG A 198 5.62 -1.28 16.57
C ARG A 198 4.58 -2.19 17.22
N ILE A 199 4.21 -3.26 16.51
CA ILE A 199 3.25 -4.24 17.01
C ILE A 199 3.83 -5.03 18.18
N ARG A 200 5.08 -5.49 18.04
CA ARG A 200 5.77 -6.28 19.08
C ARG A 200 5.74 -5.58 20.44
N TYR A 201 6.03 -4.28 20.45
CA TYR A 201 6.15 -3.51 21.68
C TYR A 201 4.91 -2.68 22.02
N ASN A 202 3.88 -2.78 21.18
CA ASN A 202 2.65 -2.00 21.29
C ASN A 202 2.91 -0.50 21.49
N ARG A 203 3.83 0.02 20.68
CA ARG A 203 4.25 1.42 20.77
C ARG A 203 4.06 2.08 19.41
N ARG A 204 3.17 3.05 19.36
CA ARG A 204 2.94 3.84 18.16
C ARG A 204 4.02 4.90 17.97
N SER A 205 4.41 5.13 16.72
CA SER A 205 5.38 6.16 16.36
C SER A 205 5.26 6.51 14.88
N ALA A 206 5.55 7.76 14.57
CA ALA A 206 5.59 8.26 13.20
C ALA A 206 6.75 7.62 12.43
N PRO A 207 6.61 7.46 11.10
CA PRO A 207 7.68 6.86 10.31
C PRO A 207 8.90 7.76 10.20
N ASP A 208 10.09 7.16 10.40
CA ASP A 208 11.36 7.87 10.31
C ASP A 208 11.74 8.14 8.83
N PRO A 209 12.82 8.91 8.56
CA PRO A 209 13.18 9.21 7.17
C PRO A 209 13.48 8.01 6.27
N SER A 210 13.94 6.90 6.84
CA SER A 210 14.18 5.68 6.04
C SER A 210 12.89 5.13 5.43
N VAL A 211 11.80 5.17 6.21
CA VAL A 211 10.48 4.73 5.75
C VAL A 211 9.93 5.70 4.69
N ILE A 212 9.94 7.00 5.00
CA ILE A 212 9.45 8.04 4.10
C ILE A 212 10.15 8.01 2.74
N THR A 213 11.48 7.95 2.76
CA THR A 213 12.24 7.99 1.50
C THR A 213 12.03 6.71 0.67
N LEU A 214 11.86 5.56 1.33
CA LEU A 214 11.51 4.34 0.61
C LEU A 214 10.16 4.48 -0.09
N GLU A 215 9.15 4.93 0.65
CA GLU A 215 7.81 5.19 0.07
C GLU A 215 7.89 6.11 -1.15
N ASN A 216 8.62 7.20 -0.99
CA ASN A 216 8.80 8.19 -2.06
C ASN A 216 9.58 7.67 -3.25
N SER A 217 10.38 6.62 -3.04
CA SER A 217 11.26 6.10 -4.06
C SER A 217 10.79 4.82 -4.73
N TRP A 218 9.61 4.30 -4.35
CA TRP A 218 9.14 3.02 -4.89
C TRP A 218 9.09 2.97 -6.42
N GLY A 219 8.50 3.99 -7.03
CA GLY A 219 8.41 4.08 -8.48
C GLY A 219 9.77 4.13 -9.15
N ARG A 220 10.63 5.00 -8.62
CA ARG A 220 11.99 5.19 -9.15
C ARG A 220 12.87 3.96 -8.98
N LEU A 221 12.76 3.29 -7.83
CA LEU A 221 13.48 2.04 -7.60
C LEU A 221 13.01 0.95 -8.56
N SER A 222 11.70 0.84 -8.74
CA SER A 222 11.12 -0.12 -9.68
C SER A 222 11.67 0.08 -11.09
N THR A 223 11.69 1.32 -11.57
CA THR A 223 12.19 1.63 -12.90
C THR A 223 13.71 1.37 -12.99
N ALA A 224 14.47 1.83 -12.00
CA ALA A 224 15.93 1.63 -12.01
C ALA A 224 16.32 0.15 -12.05
N ILE A 225 15.63 -0.68 -11.27
CA ILE A 225 15.89 -2.12 -11.26
C ILE A 225 15.57 -2.73 -12.62
N GLN A 226 14.42 -2.37 -13.18
CA GLN A 226 13.97 -2.96 -14.44
C GLN A 226 14.80 -2.48 -15.63
N GLU A 227 15.31 -1.25 -15.57
CA GLU A 227 16.19 -0.67 -16.59
C GLU A 227 17.67 -0.99 -16.40
N SER A 228 18.01 -1.63 -15.27
CA SER A 228 19.41 -1.88 -14.90
C SER A 228 20.15 -2.75 -15.91
N ASN A 229 21.46 -2.57 -15.96
CA ASN A 229 22.33 -3.41 -16.77
C ASN A 229 22.87 -4.50 -15.88
N GLN A 230 22.23 -5.68 -15.95
CA GLN A 230 22.59 -6.86 -15.13
C GLN A 230 22.53 -6.55 -13.63
N GLY A 231 21.62 -5.66 -13.24
CA GLY A 231 21.49 -5.25 -11.84
C GLY A 231 22.11 -3.90 -11.50
N ALA A 232 23.00 -3.42 -12.36
CA ALA A 232 23.71 -2.16 -12.14
C ALA A 232 22.90 -0.96 -12.63
N PHE A 233 22.69 0.02 -11.74
CA PHE A 233 21.95 1.24 -12.07
C PHE A 233 22.82 2.14 -12.94
N ALA A 234 22.21 2.79 -13.94
CA ALA A 234 22.92 3.80 -14.74
C ALA A 234 23.11 5.08 -13.93
N SER A 235 22.09 5.43 -13.14
CA SER A 235 22.11 6.57 -12.23
C SER A 235 21.82 6.06 -10.82
N PRO A 236 22.63 6.49 -9.82
CA PRO A 236 22.36 6.08 -8.43
C PRO A 236 21.09 6.73 -7.87
N ILE A 237 20.49 6.05 -6.90
CA ILE A 237 19.32 6.58 -6.17
C ILE A 237 19.72 6.83 -4.73
N GLN A 238 19.39 8.02 -4.23
CA GLN A 238 19.67 8.40 -2.86
C GLN A 238 18.50 8.08 -1.95
N LEU A 239 18.77 7.24 -0.96
CA LEU A 239 17.81 6.96 0.11
C LEU A 239 18.33 7.58 1.40
N GLN A 240 17.52 7.51 2.46
CA GLN A 240 17.95 7.99 3.77
C GLN A 240 17.98 6.87 4.81
N ARG A 241 18.93 6.98 5.74
CA ARG A 241 18.98 6.12 6.93
C ARG A 241 17.96 6.60 7.96
N ARG A 242 17.80 5.83 9.03
CA ARG A 242 16.91 6.19 10.15
C ARG A 242 17.21 7.57 10.74
N ASN A 243 18.49 7.91 10.83
CA ASN A 243 18.95 9.22 11.34
C ASN A 243 18.89 10.36 10.31
N GLY A 244 18.47 10.05 9.09
CA GLY A 244 18.30 11.06 8.03
C GLY A 244 19.48 11.23 7.08
N SER A 245 20.62 10.59 7.39
CA SER A 245 21.80 10.64 6.54
C SER A 245 21.59 9.88 5.22
N LYS A 246 22.33 10.29 4.18
CA LYS A 246 22.17 9.74 2.84
C LYS A 246 22.80 8.36 2.66
N PHE A 247 22.08 7.51 1.91
CA PHE A 247 22.53 6.17 1.55
C PHE A 247 22.35 6.01 0.03
N SER A 248 23.46 5.79 -0.67
CA SER A 248 23.47 5.68 -2.14
C SER A 248 23.24 4.25 -2.61
N VAL A 249 22.30 4.09 -3.55
CA VAL A 249 21.99 2.79 -4.13
C VAL A 249 22.48 2.75 -5.58
N TYR A 250 23.39 1.80 -5.84
CA TYR A 250 24.02 1.65 -7.15
C TYR A 250 23.57 0.38 -7.88
N ASP A 251 22.90 -0.52 -7.15
CA ASP A 251 22.68 -1.88 -7.62
C ASP A 251 21.46 -2.48 -6.97
N VAL A 252 20.80 -3.38 -7.70
CA VAL A 252 19.66 -4.13 -7.17
C VAL A 252 20.02 -4.99 -5.93
N SER A 253 21.27 -5.46 -5.87
CA SER A 253 21.71 -6.42 -4.84
C SER A 253 21.36 -5.97 -3.42
N ILE A 254 21.64 -4.71 -3.11
CA ILE A 254 21.39 -4.13 -1.78
C ILE A 254 19.89 -4.02 -1.46
N LEU A 255 19.04 -4.03 -2.49
CA LEU A 255 17.60 -3.85 -2.35
C LEU A 255 16.80 -5.14 -2.15
N ILE A 256 17.42 -6.29 -2.46
CA ILE A 256 16.74 -7.58 -2.32
C ILE A 256 16.10 -7.81 -0.93
N PRO A 257 16.81 -7.49 0.19
CA PRO A 257 16.13 -7.60 1.49
C PRO A 257 15.16 -6.46 1.85
N ILE A 258 15.09 -5.43 1.00
CA ILE A 258 14.36 -4.19 1.31
C ILE A 258 13.02 -4.08 0.57
N ILE A 259 13.04 -4.34 -0.73
CA ILE A 259 11.87 -4.19 -1.61
C ILE A 259 11.30 -5.56 -1.94
N ALA A 260 10.01 -5.75 -1.68
CA ALA A 260 9.34 -7.05 -1.85
C ALA A 260 8.67 -7.20 -3.20
N LEU A 261 8.21 -6.09 -3.77
CA LEU A 261 7.60 -6.11 -5.09
C LEU A 261 7.73 -4.76 -5.80
N MET A 262 7.61 -4.79 -7.12
CA MET A 262 7.80 -3.62 -7.96
C MET A 262 6.59 -3.40 -8.85
N VAL A 263 6.32 -2.14 -9.18
CA VAL A 263 5.36 -1.81 -10.23
C VAL A 263 5.98 -2.14 -11.59
N TYR A 264 5.19 -2.69 -12.50
CA TYR A 264 5.64 -2.99 -13.87
C TYR A 264 5.95 -1.69 -14.60
N ARG A 265 7.16 -1.58 -15.11
CA ARG A 265 7.60 -0.35 -15.79
C ARG A 265 7.98 -0.57 -17.25
N CYS A 266 8.67 -1.68 -17.51
CA CYS A 266 9.00 -2.11 -18.86
C CYS A 266 9.14 -3.63 -18.95
N ALA A 267 9.11 -4.14 -20.18
CA ALA A 267 9.32 -5.56 -20.45
C ALA A 267 10.76 -5.98 -20.12
N PRO A 268 10.95 -7.17 -19.50
CA PRO A 268 12.31 -7.61 -19.16
C PRO A 268 13.15 -7.92 -20.42
N PRO A 269 14.43 -7.48 -20.43
CA PRO A 269 15.32 -7.79 -21.55
C PRO A 269 15.64 -9.29 -21.63
N PRO A 270 15.95 -9.83 -22.84
CA PRO A 270 16.34 -11.23 -22.99
C PRO A 270 17.47 -11.65 -22.05
N SER A 271 17.44 -12.92 -21.63
CA SER A 271 18.36 -13.48 -20.63
C SER A 271 19.84 -13.14 -20.83
N SER A 272 20.28 -13.17 -22.10
CA SER A 272 21.65 -12.85 -22.53
C SER A 272 22.73 -13.62 -21.75
N GLN A 273 22.64 -14.95 -21.83
CA GLN A 273 23.61 -15.85 -21.20
C GLN A 273 24.94 -15.82 -21.95
N PHE A 274 26.03 -16.06 -21.23
CA PHE A 274 27.39 -16.06 -21.78
C PHE A 274 27.65 -17.30 -22.63
C2 IFX B . -3.28 5.37 -2.05
C4 IFX B . -1.44 3.80 -2.15
N1 IFX B . -2.41 6.38 -2.21
C6 IFX B . 1.59 5.81 -2.65
N2 IFX B . -4.58 5.61 -1.93
O4 IFX B . -1.06 2.63 -2.10
C7 IFX B . 1.05 7.09 -2.68
CAH IFX B . 6.47 11.01 -3.21
CAF IFX B . 7.33 12.06 -3.57
CAE IFX B . 8.01 12.01 -4.80
CAG IFX B . 7.84 10.91 -5.66
CAI IFX B . 6.97 9.88 -5.29
CAT IFX B . 6.28 9.92 -4.07
CAL IFX B . 5.42 8.86 -3.71
CAY IFX B . 3.91 9.22 -3.81
CAK IFX B . 3.52 9.64 -5.24
OAD IFX B . 3.57 8.51 -6.12
NAP IFX B . 3.06 8.08 -3.39
CAR IFX B . 1.81 8.25 -2.91
OAB IFX B . 1.27 9.35 -2.90
N8 IFX B . -0.29 7.23 -2.54
C8A IFX B . -1.09 6.18 -2.36
N3 IFX B . -2.82 4.06 -2.01
C4A IFX B . -0.57 4.88 -2.32
N5 IFX B . 0.75 4.70 -2.46
C2 IFX C . -5.19 3.64 -9.21
C4 IFX C . -5.75 5.94 -8.73
N1 IFX C . -3.89 3.94 -9.23
C6 IFX C . -2.57 7.78 -8.59
N2 IFX C . -5.59 2.39 -9.41
O4 IFX C . -6.58 6.81 -8.52
C7 IFX C . -1.66 6.74 -8.85
CAH IFX C . 1.56 3.85 -7.55
CAF IFX C . 1.52 3.56 -6.18
CAE IFX C . 2.52 4.04 -5.34
CAG IFX C . 3.56 4.83 -5.85
CAI IFX C . 3.60 5.12 -7.22
CAT IFX C . 2.60 4.65 -8.07
CAL IFX C . 2.64 4.94 -9.45
CAY IFX C . 1.93 6.29 -9.75
CAK IFX C . 2.29 6.77 -11.16
OAD IFX C . 1.66 5.95 -12.15
NAP IFX C . 0.47 6.16 -9.59
CAR IFX C . -0.28 7.03 -8.89
OAB IFX C . 0.16 8.04 -8.34
N8 IFX C . -2.12 5.48 -9.05
C8A IFX C . -3.45 5.21 -9.02
N3 IFX C . -6.15 4.62 -8.95
C4A IFX C . -4.38 6.23 -8.77
N5 IFX C . -3.94 7.49 -8.55
S SO4 D . 1.15 -15.66 17.87
O1 SO4 D . 1.68 -16.90 17.25
O2 SO4 D . 2.25 -14.90 18.49
O3 SO4 D . 0.51 -14.86 16.81
O4 SO4 D . 0.16 -15.99 18.91
S SO4 E . -6.30 15.60 -6.80
O1 SO4 E . -6.59 14.53 -7.78
O2 SO4 E . -5.07 15.25 -6.05
O3 SO4 E . -6.09 16.88 -7.52
O4 SO4 E . -7.43 15.74 -5.86
#